data_7X2N
#
_entry.id   7X2N
#
_cell.length_a   78.321
_cell.length_b   78.321
_cell.length_c   164.001
_cell.angle_alpha   90.000
_cell.angle_beta   90.000
_cell.angle_gamma   90.000
#
_symmetry.space_group_name_H-M   'P 43 21 2'
#
loop_
_entity.id
_entity.type
_entity.pdbx_description
1 polymer PycR1
2 branched alpha-D-mannopyranose-(1-2)-alpha-D-mannopyranose-(1-6)-alpha-D-mannopyranose-(1-6)-[alpha-D-mannopyranose-(1-3)]beta-D-mannopyranose-(1-4)-2-acetamido-2-deoxy-beta-D-glucopyranose-(1-4)-2-acetamido-2-deoxy-beta-D-glucopyranose
3 branched alpha-D-mannopyranose-(1-3)-[alpha-D-mannopyranose-(1-6)]alpha-D-mannopyranose-(1-6)-beta-D-mannopyranose-(1-4)-2-acetamido-2-deoxy-beta-D-glucopyranose-(1-4)-2-acetamido-2-deoxy-beta-D-glucopyranose
4 non-polymer GLYCEROL
5 non-polymer alpha-D-mannopyranose
6 non-polymer 1,2-ETHANEDIOL
7 non-polymer 'CALCIUM ION'
8 water water
#
_entity_poly.entity_id   1
_entity_poly.type   'polypeptide(L)'
_entity_poly.pdbx_seq_one_letter_code
;MGSSHHHHHHSSGLVPRGSHMKLLATAIAGLAIVGQPLASASPTARTDVKLPLPQRLLHDWANGSWVENISVRPNGNLLV
STSTPDGSVWQIKEPWKDQPEVELVYNFDQWVDRLIGIGETTPDKYVVVGSRFYSTDPMSSHVDRTFAAMELDFSGSANK
DKPAVRLIAWFPDAHLLQGVAALPWDRTKVLISDQYLLRPRAAPQKDWTPARGQVWTLDTVTGAHEVVFANDTALDTTYR
HGYDVGINGIKIRRDWLYWVNSDDGNIYRLKIDKTGHAVPPAKPEVVAFQDTIWDDFTFGPEHEDTIWATGFNAIFAASP
QGKVVTVNGVGTSDNGIMPGPTACAFGRSPHDRNILYVTGNMGEIPVDIEHVHLKGWVRAIDTTGFHF
;
_entity_poly.pdbx_strand_id   A
#
# COMPACT_ATOMS: atom_id res chain seq x y z
N VAL A 49 13.01 -6.13 23.50
CA VAL A 49 14.08 -5.68 22.60
C VAL A 49 14.38 -4.19 22.81
N LYS A 50 15.53 -3.73 22.34
CA LYS A 50 15.83 -2.31 22.33
C LYS A 50 15.09 -1.66 21.15
N LEU A 51 14.51 -0.49 21.38
CA LEU A 51 13.93 0.32 20.31
C LEU A 51 14.75 1.57 20.16
N PRO A 52 14.89 2.13 18.94
CA PRO A 52 14.27 1.67 17.69
C PRO A 52 14.95 0.41 17.15
N LEU A 53 14.21 -0.37 16.38
CA LEU A 53 14.77 -1.55 15.74
C LEU A 53 15.89 -1.15 14.79
N PRO A 54 16.85 -2.07 14.55
CA PRO A 54 17.89 -1.79 13.56
C PRO A 54 17.27 -1.63 12.18
N GLN A 55 17.86 -0.75 11.39
CA GLN A 55 17.38 -0.53 10.04
C GLN A 55 18.51 -0.12 9.13
N ARG A 56 18.32 -0.31 7.83
CA ARG A 56 19.33 0.09 6.86
C ARG A 56 18.62 0.51 5.58
N LEU A 57 19.31 1.32 4.79
CA LEU A 57 18.78 1.77 3.50
C LEU A 57 19.16 0.76 2.43
N LEU A 58 18.18 0.31 1.63
CA LEU A 58 18.50 -0.50 0.46
C LEU A 58 18.76 0.34 -0.78
N HIS A 59 17.90 1.35 -1.04
CA HIS A 59 18.00 2.07 -2.32
C HIS A 59 17.20 3.37 -2.22
N ASP A 60 17.74 4.44 -2.82
CA ASP A 60 17.05 5.72 -3.06
C ASP A 60 16.82 5.86 -4.55
N TRP A 61 15.63 6.31 -4.92
CA TRP A 61 15.38 6.77 -6.27
C TRP A 61 15.70 8.26 -6.33
N ALA A 62 15.44 8.88 -7.48
CA ALA A 62 15.77 10.29 -7.68
C ALA A 62 14.77 11.23 -7.00
N ASN A 63 15.23 12.47 -6.75
CA ASN A 63 14.28 13.47 -6.33
C ASN A 63 13.06 13.48 -7.25
N GLY A 64 11.90 13.64 -6.66
CA GLY A 64 10.66 13.73 -7.45
C GLY A 64 9.90 12.40 -7.54
N SER A 65 10.53 11.33 -7.11
CA SER A 65 9.98 9.98 -7.24
C SER A 65 9.21 9.63 -5.95
N TRP A 66 8.42 8.56 -6.04
CA TRP A 66 7.49 8.22 -4.97
C TRP A 66 7.24 6.72 -5.06
N VAL A 67 7.72 5.96 -4.11
CA VAL A 67 7.43 4.52 -4.04
C VAL A 67 6.23 4.36 -3.11
N GLU A 68 5.16 3.70 -3.61
CA GLU A 68 3.85 3.73 -2.96
C GLU A 68 3.45 2.42 -2.27
N ASN A 69 3.91 1.27 -2.79
CA ASN A 69 3.48 -0.01 -2.19
C ASN A 69 4.46 -1.11 -2.59
N ILE A 70 4.23 -2.29 -2.02
CA ILE A 70 5.23 -3.37 -2.12
C ILE A 70 4.55 -4.72 -2.01
N SER A 71 5.03 -5.67 -2.83
CA SER A 71 4.70 -7.10 -2.69
C SER A 71 6.01 -7.86 -2.76
N VAL A 72 6.17 -8.86 -1.87
CA VAL A 72 7.39 -9.69 -1.89
C VAL A 72 7.10 -10.97 -2.67
N ARG A 73 8.01 -11.32 -3.62
CA ARG A 73 7.77 -12.51 -4.46
C ARG A 73 8.08 -13.76 -3.64
N PRO A 74 7.59 -14.92 -4.08
CA PRO A 74 7.96 -16.15 -3.35
C PRO A 74 9.46 -16.34 -3.26
N ASN A 75 10.22 -15.90 -4.27
CA ASN A 75 11.69 -16.01 -4.21
C ASN A 75 12.33 -14.95 -3.32
N GLY A 76 11.54 -14.09 -2.66
CA GLY A 76 12.12 -13.12 -1.77
C GLY A 76 12.41 -11.77 -2.39
N ASN A 77 12.34 -11.64 -3.71
CA ASN A 77 12.62 -10.36 -4.34
C ASN A 77 11.48 -9.40 -4.02
N LEU A 78 11.81 -8.10 -3.97
CA LEU A 78 10.80 -7.06 -3.70
C LEU A 78 10.27 -6.51 -5.00
N LEU A 79 8.93 -6.36 -5.09
CA LEU A 79 8.34 -5.63 -6.20
C LEU A 79 7.70 -4.38 -5.63
N VAL A 80 8.05 -3.20 -6.14
CA VAL A 80 7.49 -1.99 -5.58
C VAL A 80 6.84 -1.17 -6.70
N SER A 81 5.73 -0.53 -6.36
CA SER A 81 5.02 0.30 -7.33
C SER A 81 5.41 1.76 -7.09
N THR A 82 5.52 2.50 -8.17
CA THR A 82 5.82 3.94 -8.05
C THR A 82 4.64 4.76 -8.54
N SER A 83 4.48 5.94 -7.95
CA SER A 83 3.43 6.92 -8.36
C SER A 83 4.01 8.03 -9.20
N THR A 84 5.24 8.46 -8.89
CA THR A 84 5.94 9.46 -9.71
C THR A 84 7.39 9.02 -9.83
N PRO A 85 8.11 9.47 -10.84
CA PRO A 85 7.71 10.31 -11.99
C PRO A 85 6.85 9.56 -12.98
N ASP A 86 6.72 8.25 -12.81
CA ASP A 86 5.95 7.43 -13.72
C ASP A 86 5.40 6.27 -12.93
N GLY A 87 4.43 5.57 -13.54
CA GLY A 87 3.74 4.49 -12.86
C GLY A 87 4.41 3.19 -13.30
N SER A 88 5.35 2.72 -12.48
CA SER A 88 6.20 1.58 -12.84
C SER A 88 6.27 0.59 -11.68
N VAL A 89 6.67 -0.65 -11.98
CA VAL A 89 7.04 -1.60 -10.95
C VAL A 89 8.54 -1.81 -11.09
N TRP A 90 9.24 -1.68 -9.98
CA TRP A 90 10.69 -1.95 -9.93
C TRP A 90 10.88 -3.19 -9.09
N GLN A 91 11.97 -3.94 -9.37
CA GLN A 91 12.29 -5.13 -8.58
C GLN A 91 13.60 -4.89 -7.84
N ILE A 92 13.63 -5.23 -6.55
CA ILE A 92 14.87 -5.27 -5.80
C ILE A 92 15.21 -6.75 -5.65
N LYS A 93 16.28 -7.18 -6.29
CA LYS A 93 16.59 -8.61 -6.35
C LYS A 93 17.50 -8.95 -5.16
N GLU A 94 17.19 -10.06 -4.47
CA GLU A 94 17.97 -10.51 -3.33
C GLU A 94 18.18 -9.38 -2.31
N PRO A 95 17.09 -8.90 -1.70
CA PRO A 95 17.15 -7.62 -0.98
C PRO A 95 17.93 -7.69 0.33
N TRP A 96 18.23 -8.90 0.83
CA TRP A 96 19.14 -9.10 1.96
C TRP A 96 20.59 -8.72 1.67
N LYS A 97 20.97 -8.54 0.42
CA LYS A 97 22.31 -8.06 0.09
C LYS A 97 22.51 -6.64 0.63
N ASP A 98 23.75 -6.32 0.96
CA ASP A 98 24.08 -4.94 1.31
C ASP A 98 23.69 -3.99 0.19
N GLN A 99 23.98 -4.34 -1.05
N GLN A 99 23.96 -4.37 -1.05
CA GLN A 99 23.72 -3.48 -2.19
CA GLN A 99 23.78 -3.54 -2.23
C GLN A 99 23.02 -4.31 -3.26
C GLN A 99 23.02 -4.33 -3.28
N PRO A 100 21.71 -4.52 -3.11
CA PRO A 100 20.97 -5.34 -4.06
C PRO A 100 20.76 -4.62 -5.39
N GLU A 101 20.65 -5.41 -6.44
CA GLU A 101 20.34 -4.91 -7.78
C GLU A 101 18.92 -4.35 -7.77
N VAL A 102 18.74 -3.19 -8.38
CA VAL A 102 17.40 -2.56 -8.45
C VAL A 102 17.12 -2.31 -9.92
N GLU A 103 16.05 -2.92 -10.44
CA GLU A 103 15.84 -2.94 -11.87
C GLU A 103 14.39 -2.59 -12.21
N LEU A 104 14.20 -1.78 -13.25
CA LEU A 104 12.83 -1.52 -13.72
C LEU A 104 12.21 -2.79 -14.29
N VAL A 105 11.03 -3.16 -13.81
CA VAL A 105 10.29 -4.28 -14.41
C VAL A 105 9.44 -3.81 -15.57
N TYR A 106 8.60 -2.79 -15.34
CA TYR A 106 7.68 -2.41 -16.40
C TYR A 106 7.13 -1.02 -16.07
N ASN A 107 7.06 -0.17 -17.08
CA ASN A 107 6.41 1.16 -16.97
C ASN A 107 5.05 1.01 -17.60
N PHE A 108 3.98 1.29 -16.82
CA PHE A 108 2.61 1.06 -17.26
C PHE A 108 1.99 2.24 -18.00
N ASP A 109 2.84 3.09 -18.60
CA ASP A 109 2.40 4.28 -19.32
C ASP A 109 1.30 4.01 -20.33
N GLN A 110 1.33 2.83 -21.00
CA GLN A 110 0.25 2.57 -21.97
C GLN A 110 -1.13 2.82 -21.41
N TRP A 111 -1.33 2.53 -20.14
CA TRP A 111 -2.64 2.68 -19.49
C TRP A 111 -2.70 3.76 -18.43
N VAL A 112 -1.60 4.07 -17.74
CA VAL A 112 -1.68 4.95 -16.57
C VAL A 112 -0.45 5.85 -16.44
N ASP A 113 -0.63 6.94 -15.71
CA ASP A 113 0.47 7.85 -15.38
C ASP A 113 1.13 7.52 -14.04
N ARG A 114 0.39 6.89 -13.15
CA ARG A 114 0.83 6.58 -11.79
C ARG A 114 0.29 5.22 -11.43
N LEU A 115 1.06 4.44 -10.69
CA LEU A 115 0.55 3.28 -9.97
C LEU A 115 0.35 3.63 -8.52
N ILE A 116 -0.58 2.93 -7.89
CA ILE A 116 -0.82 3.13 -6.46
C ILE A 116 -0.51 1.78 -5.82
N GLY A 117 -1.52 0.94 -5.53
CA GLY A 117 -1.26 -0.30 -4.81
C GLY A 117 -0.80 -1.46 -5.68
N ILE A 118 -0.20 -2.45 -5.01
CA ILE A 118 0.18 -3.75 -5.63
C ILE A 118 -0.23 -4.85 -4.64
N GLY A 119 -0.66 -6.02 -5.19
CA GLY A 119 -0.90 -7.17 -4.29
C GLY A 119 -0.77 -8.46 -5.09
N GLU A 120 -0.23 -9.49 -4.45
CA GLU A 120 -0.12 -10.80 -5.14
C GLU A 120 -1.49 -11.49 -5.22
N THR A 121 -1.74 -12.17 -6.32
CA THR A 121 -2.96 -12.95 -6.44
C THR A 121 -2.61 -14.44 -6.27
N THR A 122 -2.66 -15.17 -7.36
CA THR A 122 -2.10 -16.54 -7.33
C THR A 122 -0.57 -16.44 -7.34
N PRO A 123 0.17 -17.53 -7.08
CA PRO A 123 1.59 -17.37 -6.81
C PRO A 123 2.34 -16.71 -7.95
N ASP A 124 3.04 -15.61 -7.58
CA ASP A 124 3.88 -14.85 -8.50
C ASP A 124 3.10 -14.24 -9.67
N LYS A 125 1.81 -13.95 -9.42
CA LYS A 125 1.08 -12.97 -10.24
C LYS A 125 0.68 -11.82 -9.32
N TYR A 126 0.57 -10.61 -9.89
CA TYR A 126 0.35 -9.41 -9.09
C TYR A 126 -0.62 -8.51 -9.83
N VAL A 127 -1.49 -7.87 -9.08
CA VAL A 127 -2.34 -6.80 -9.57
C VAL A 127 -1.79 -5.45 -9.10
N VAL A 128 -1.72 -4.51 -10.02
CA VAL A 128 -1.44 -3.11 -9.69
C VAL A 128 -2.64 -2.27 -10.15
N VAL A 129 -2.88 -1.17 -9.42
CA VAL A 129 -3.91 -0.23 -9.86
C VAL A 129 -3.28 1.15 -10.12
N GLY A 130 -3.93 1.93 -10.97
CA GLY A 130 -3.39 3.26 -11.26
C GLY A 130 -4.32 4.01 -12.18
N SER A 131 -3.90 5.22 -12.55
CA SER A 131 -4.79 6.10 -13.33
C SER A 131 -3.91 7.14 -14.01
N ARG A 132 -4.53 8.02 -14.78
CA ARG A 132 -3.87 9.25 -15.22
C ARG A 132 -3.98 10.27 -14.10
N PHE A 133 -3.02 11.20 -14.06
CA PHE A 133 -2.97 12.26 -13.05
C PHE A 133 -2.71 13.57 -13.76
N TYR A 134 -3.23 14.68 -13.22
CA TYR A 134 -3.08 15.96 -13.90
C TYR A 134 -1.64 16.41 -14.02
N SER A 135 -0.79 16.09 -13.04
CA SER A 135 0.64 16.41 -13.12
C SER A 135 1.42 15.49 -12.21
N THR A 136 2.78 15.65 -12.24
CA THR A 136 3.58 14.85 -11.32
C THR A 136 3.75 15.57 -9.98
N ASP A 137 3.09 16.71 -9.78
CA ASP A 137 3.19 17.39 -8.49
C ASP A 137 2.77 16.45 -7.36
N PRO A 138 3.40 16.57 -6.18
CA PRO A 138 2.96 15.77 -5.04
C PRO A 138 1.52 15.95 -4.69
N MET A 139 0.93 17.13 -4.92
CA MET A 139 -0.47 17.32 -4.58
C MET A 139 -1.40 17.15 -5.79
N SER A 140 -0.88 16.69 -6.93
CA SER A 140 -1.78 16.56 -8.11
C SER A 140 -2.94 15.66 -7.76
N SER A 141 -4.12 15.99 -8.31
CA SER A 141 -5.26 15.10 -8.18
C SER A 141 -5.22 14.11 -9.37
N HIS A 142 -5.93 12.98 -9.18
CA HIS A 142 -6.04 12.06 -10.30
C HIS A 142 -6.99 12.65 -11.32
N VAL A 143 -7.03 12.05 -12.53
CA VAL A 143 -8.01 12.46 -13.53
C VAL A 143 -9.19 11.49 -13.38
N ASP A 144 -10.37 12.03 -13.08
CA ASP A 144 -11.55 11.22 -12.87
C ASP A 144 -11.81 10.29 -14.05
N ARG A 145 -12.21 9.05 -13.72
CA ARG A 145 -12.69 8.03 -14.66
C ARG A 145 -11.54 7.36 -15.38
N THR A 146 -10.28 7.55 -14.93
CA THR A 146 -9.16 6.93 -15.64
C THR A 146 -8.50 5.80 -14.87
N PHE A 147 -9.14 5.26 -13.84
CA PHE A 147 -8.50 4.17 -13.11
C PHE A 147 -8.56 2.85 -13.86
N ALA A 148 -7.58 2.01 -13.57
CA ALA A 148 -7.41 0.72 -14.25
C ALA A 148 -6.76 -0.27 -13.26
N ALA A 149 -6.94 -1.56 -13.51
CA ALA A 149 -6.20 -2.63 -12.85
C ALA A 149 -5.46 -3.44 -13.91
N MET A 150 -4.20 -3.73 -13.62
CA MET A 150 -3.32 -4.39 -14.59
C MET A 150 -2.65 -5.55 -13.85
N GLU A 151 -2.11 -6.50 -14.61
CA GLU A 151 -1.52 -7.71 -14.04
C GLU A 151 -0.07 -7.83 -14.47
N LEU A 152 0.81 -8.21 -13.53
CA LEU A 152 2.16 -8.72 -13.86
C LEU A 152 2.15 -10.21 -13.56
N ASP A 153 2.52 -11.04 -14.54
CA ASP A 153 2.46 -12.48 -14.40
C ASP A 153 3.90 -13.02 -14.51
N PHE A 154 4.47 -13.37 -13.36
CA PHE A 154 5.81 -13.97 -13.36
C PHE A 154 5.73 -15.49 -13.32
N SER A 155 4.54 -16.08 -13.41
CA SER A 155 4.40 -17.53 -13.18
C SER A 155 4.85 -18.28 -14.44
N GLY A 156 5.37 -19.47 -14.25
CA GLY A 156 5.79 -20.23 -15.42
C GLY A 156 7.15 -19.83 -15.94
N SER A 157 7.74 -20.77 -16.70
CA SER A 157 9.16 -20.66 -17.05
C SER A 157 9.41 -19.53 -18.05
N ALA A 158 8.46 -19.28 -18.96
CA ALA A 158 8.60 -18.18 -19.92
C ALA A 158 8.62 -16.82 -19.22
N ASN A 159 7.90 -16.68 -18.11
CA ASN A 159 7.68 -15.37 -17.48
C ASN A 159 8.52 -15.15 -16.22
N LYS A 160 9.34 -16.12 -15.81
CA LYS A 160 9.92 -16.10 -14.47
C LYS A 160 10.85 -14.92 -14.29
N ASP A 161 11.48 -14.46 -15.38
CA ASP A 161 12.38 -13.31 -15.37
C ASP A 161 11.71 -12.05 -15.88
N LYS A 162 11.16 -12.09 -17.11
CA LYS A 162 10.41 -10.98 -17.69
C LYS A 162 8.93 -11.30 -17.62
N PRO A 163 8.11 -10.60 -16.80
CA PRO A 163 6.72 -11.01 -16.66
C PRO A 163 5.91 -10.63 -17.87
N ALA A 164 4.78 -11.30 -18.01
CA ALA A 164 3.79 -10.92 -19.01
C ALA A 164 2.84 -9.93 -18.32
N VAL A 165 2.53 -8.84 -19.00
CA VAL A 165 1.77 -7.75 -18.39
C VAL A 165 0.52 -7.53 -19.22
N ARG A 166 -0.62 -7.30 -18.57
CA ARG A 166 -1.83 -7.01 -19.33
C ARG A 166 -2.76 -6.08 -18.55
N LEU A 167 -3.69 -5.48 -19.28
CA LEU A 167 -4.80 -4.72 -18.68
CA LEU A 167 -4.78 -4.74 -18.66
C LEU A 167 -5.87 -5.71 -18.25
N ILE A 168 -6.27 -5.65 -16.99
CA ILE A 168 -7.36 -6.54 -16.54
C ILE A 168 -8.70 -5.86 -16.77
N ALA A 169 -8.89 -4.66 -16.23
CA ALA A 169 -10.19 -4.01 -16.41
C ALA A 169 -10.01 -2.51 -16.20
N TRP A 170 -10.86 -1.73 -16.90
CA TRP A 170 -11.00 -0.30 -16.59
C TRP A 170 -12.02 -0.14 -15.46
N PHE A 171 -11.78 0.85 -14.58
CA PHE A 171 -12.70 1.19 -13.50
C PHE A 171 -13.13 2.65 -13.62
N PRO A 172 -13.90 2.99 -14.64
CA PRO A 172 -14.25 4.42 -14.87
C PRO A 172 -15.16 4.97 -13.81
N ASP A 173 -15.86 4.12 -13.06
CA ASP A 173 -16.75 4.62 -12.04
C ASP A 173 -16.14 4.60 -10.66
N ALA A 174 -14.89 4.13 -10.51
CA ALA A 174 -14.21 4.23 -9.21
C ALA A 174 -13.79 5.68 -8.99
N HIS A 175 -13.40 5.99 -7.75
CA HIS A 175 -12.85 7.31 -7.45
C HIS A 175 -11.33 7.21 -7.45
N LEU A 176 -10.72 6.59 -6.44
CA LEU A 176 -9.26 6.40 -6.47
C LEU A 176 -8.97 5.02 -5.92
N LEU A 177 -8.58 4.08 -6.80
CA LEU A 177 -8.17 2.75 -6.30
C LEU A 177 -6.87 2.88 -5.54
N GLN A 178 -6.74 2.14 -4.43
CA GLN A 178 -5.65 2.39 -3.49
C GLN A 178 -4.91 1.09 -3.16
N GLY A 179 -5.50 0.25 -2.30
CA GLY A 179 -4.87 -1.00 -1.84
C GLY A 179 -5.51 -2.24 -2.45
N VAL A 180 -4.70 -3.30 -2.63
CA VAL A 180 -5.12 -4.51 -3.34
C VAL A 180 -4.81 -5.71 -2.44
N ALA A 181 -5.81 -6.60 -2.23
CA ALA A 181 -5.55 -7.78 -1.38
C ALA A 181 -6.35 -8.96 -1.92
N ALA A 182 -5.67 -10.10 -2.17
CA ALA A 182 -6.36 -11.28 -2.66
C ALA A 182 -7.17 -11.98 -1.58
N LEU A 183 -8.34 -12.52 -1.99
CA LEU A 183 -9.16 -13.42 -1.17
C LEU A 183 -8.33 -14.70 -0.94
N PRO A 184 -7.96 -15.00 0.30
CA PRO A 184 -7.03 -16.11 0.56
C PRO A 184 -7.54 -17.45 0.11
N TRP A 185 -8.85 -17.64 0.15
CA TRP A 185 -9.49 -18.88 -0.29
C TRP A 185 -9.79 -18.89 -1.78
N ASP A 186 -9.53 -17.82 -2.52
CA ASP A 186 -9.83 -17.79 -3.94
C ASP A 186 -8.98 -16.67 -4.55
N ARG A 187 -7.70 -16.94 -4.74
CA ARG A 187 -6.70 -15.88 -4.92
C ARG A 187 -6.74 -15.28 -6.31
N THR A 188 -7.56 -15.79 -7.22
CA THR A 188 -7.74 -15.10 -8.48
C THR A 188 -8.62 -13.87 -8.29
N LYS A 189 -9.22 -13.70 -7.13
CA LYS A 189 -10.06 -12.53 -6.85
C LYS A 189 -9.40 -11.63 -5.83
N VAL A 190 -9.52 -10.31 -6.02
CA VAL A 190 -8.97 -9.36 -5.05
C VAL A 190 -10.07 -8.40 -4.61
N LEU A 191 -9.88 -7.87 -3.43
CA LEU A 191 -10.56 -6.66 -2.99
C LEU A 191 -9.65 -5.46 -3.28
N ILE A 192 -10.27 -4.31 -3.55
CA ILE A 192 -9.50 -3.10 -3.83
C ILE A 192 -10.17 -1.96 -3.08
N SER A 193 -9.41 -1.26 -2.22
CA SER A 193 -10.02 -0.12 -1.54
C SER A 193 -10.08 1.10 -2.50
N ASP A 194 -11.00 2.02 -2.23
CA ASP A 194 -11.26 3.12 -3.18
C ASP A 194 -11.71 4.35 -2.40
N GLN A 195 -10.85 5.35 -2.29
CA GLN A 195 -11.31 6.64 -1.70
C GLN A 195 -10.33 7.76 -2.06
N TYR A 196 -10.88 8.91 -2.53
CA TYR A 196 -10.17 10.20 -2.56
C TYR A 196 -11.20 11.22 -3.04
N LEU A 197 -10.76 12.31 -3.69
CA LEU A 197 -11.67 13.40 -4.07
C LEU A 197 -12.80 12.93 -4.98
N LEU A 198 -14.00 13.45 -4.71
CA LEU A 198 -15.13 13.18 -5.60
C LEU A 198 -14.99 13.92 -6.92
N ARG A 199 -14.44 15.14 -6.87
CA ARG A 199 -14.29 15.95 -8.08
C ARG A 199 -12.83 16.40 -8.24
N PRO A 200 -11.94 15.47 -8.56
CA PRO A 200 -10.53 15.85 -8.76
C PRO A 200 -10.39 16.70 -10.03
N ARG A 201 -9.52 17.72 -9.95
CA ARG A 201 -9.37 18.65 -11.06
C ARG A 201 -7.91 19.06 -11.16
N ALA A 202 -7.60 19.74 -12.26
CA ALA A 202 -6.30 20.39 -12.47
C ALA A 202 -6.10 21.44 -11.37
N ALA A 203 -4.85 21.61 -10.96
CA ALA A 203 -4.56 22.62 -9.92
C ALA A 203 -4.98 23.99 -10.44
N PRO A 204 -5.49 24.86 -9.57
CA PRO A 204 -5.63 24.62 -8.14
C PRO A 204 -6.89 23.90 -7.78
N GLN A 205 -6.74 22.80 -7.04
CA GLN A 205 -7.90 22.11 -6.52
C GLN A 205 -8.59 23.00 -5.46
N LYS A 206 -9.89 23.23 -5.65
CA LYS A 206 -10.63 24.11 -4.75
C LYS A 206 -11.77 23.42 -4.07
N ASP A 207 -12.47 22.51 -4.76
CA ASP A 207 -13.53 21.71 -4.15
C ASP A 207 -12.91 20.41 -3.69
N TRP A 208 -12.69 20.27 -2.38
CA TRP A 208 -12.03 19.10 -1.82
C TRP A 208 -13.04 18.08 -1.34
N THR A 209 -14.30 18.18 -1.78
CA THR A 209 -15.32 17.22 -1.28
C THR A 209 -14.81 15.78 -1.42
N PRO A 210 -14.78 15.00 -0.33
CA PRO A 210 -14.29 13.60 -0.45
C PRO A 210 -15.42 12.70 -0.94
N ALA A 211 -15.06 11.71 -1.77
CA ALA A 211 -16.04 10.68 -2.10
C ALA A 211 -16.13 9.76 -0.87
N ARG A 212 -17.31 9.18 -0.63
CA ARG A 212 -17.36 8.16 0.43
C ARG A 212 -16.50 6.97 -0.01
N GLY A 213 -15.75 6.42 0.95
CA GLY A 213 -14.89 5.27 0.70
C GLY A 213 -15.71 4.04 0.34
N GLN A 214 -15.11 3.15 -0.46
CA GLN A 214 -15.77 1.89 -0.79
C GLN A 214 -14.72 0.84 -1.09
N VAL A 215 -15.17 -0.41 -1.26
CA VAL A 215 -14.26 -1.54 -1.52
C VAL A 215 -14.84 -2.31 -2.70
N TRP A 216 -14.02 -2.55 -3.74
CA TRP A 216 -14.38 -3.31 -4.91
C TRP A 216 -13.94 -4.78 -4.77
N THR A 217 -14.62 -5.66 -5.45
CA THR A 217 -14.00 -6.95 -5.82
C THR A 217 -13.68 -6.93 -7.29
N LEU A 218 -12.60 -7.62 -7.66
CA LEU A 218 -12.22 -7.75 -9.03
C LEU A 218 -11.88 -9.22 -9.26
N ASP A 219 -12.53 -9.83 -10.24
CA ASP A 219 -12.16 -11.20 -10.69
C ASP A 219 -11.08 -11.10 -11.75
N THR A 220 -9.85 -11.49 -11.41
CA THR A 220 -8.83 -11.29 -12.41
C THR A 220 -8.91 -12.29 -13.54
N VAL A 221 -9.73 -13.34 -13.43
CA VAL A 221 -9.89 -14.19 -14.59
C VAL A 221 -10.78 -13.54 -15.64
N THR A 222 -11.95 -13.07 -15.22
CA THR A 222 -12.96 -12.55 -16.12
C THR A 222 -12.92 -11.03 -16.27
N GLY A 223 -12.25 -10.33 -15.36
CA GLY A 223 -12.30 -8.88 -15.37
C GLY A 223 -13.52 -8.29 -14.73
N ALA A 224 -14.46 -9.10 -14.22
CA ALA A 224 -15.69 -8.58 -13.63
C ALA A 224 -15.39 -7.91 -12.29
N HIS A 225 -16.08 -6.79 -12.04
CA HIS A 225 -15.80 -6.06 -10.81
C HIS A 225 -17.07 -5.39 -10.33
N GLU A 226 -17.19 -5.24 -9.01
CA GLU A 226 -18.32 -4.52 -8.43
C GLU A 226 -17.97 -4.04 -7.04
N VAL A 227 -18.75 -3.06 -6.55
CA VAL A 227 -18.52 -2.63 -5.16
C VAL A 227 -19.15 -3.62 -4.20
N VAL A 228 -18.39 -4.05 -3.20
CA VAL A 228 -18.89 -5.02 -2.23
C VAL A 228 -19.12 -4.43 -0.87
N PHE A 229 -18.56 -3.26 -0.57
CA PHE A 229 -18.78 -2.65 0.74
C PHE A 229 -18.62 -1.14 0.59
N ALA A 230 -19.57 -0.39 1.12
CA ALA A 230 -19.52 1.06 0.96
C ALA A 230 -20.34 1.71 2.05
N ASN A 231 -20.26 3.05 2.09
CA ASN A 231 -21.16 3.87 2.93
C ASN A 231 -21.05 3.54 4.41
N ASP A 232 -19.84 3.62 4.91
CA ASP A 232 -19.56 3.49 6.33
C ASP A 232 -18.49 4.51 6.68
N THR A 233 -18.68 5.25 7.77
CA THR A 233 -17.72 6.32 8.06
C THR A 233 -16.32 5.78 8.35
N ALA A 234 -16.20 4.48 8.65
CA ALA A 234 -14.86 3.92 8.82
C ALA A 234 -14.06 3.94 7.52
N LEU A 235 -14.74 4.09 6.39
CA LEU A 235 -14.09 4.20 5.07
C LEU A 235 -13.83 5.64 4.66
N ASP A 236 -14.29 6.61 5.45
CA ASP A 236 -14.39 8.00 5.01
C ASP A 236 -13.35 8.89 5.65
N THR A 237 -13.20 10.07 5.06
CA THR A 237 -12.41 11.10 5.71
C THR A 237 -13.25 12.36 5.85
N THR A 238 -12.98 13.11 6.94
CA THR A 238 -13.50 14.47 7.15
C THR A 238 -12.36 15.47 7.26
N TYR A 239 -11.15 15.08 6.83
CA TYR A 239 -9.96 15.91 6.84
C TYR A 239 -9.58 16.38 8.25
N ARG A 240 -9.88 15.56 9.26
CA ARG A 240 -9.30 15.79 10.58
C ARG A 240 -7.80 15.83 10.54
N HIS A 241 -7.18 15.04 9.64
CA HIS A 241 -5.73 15.02 9.49
C HIS A 241 -5.26 15.85 8.28
N GLY A 242 -6.10 16.79 7.77
CA GLY A 242 -5.71 17.52 6.59
C GLY A 242 -6.15 16.70 5.36
N TYR A 243 -5.84 17.23 4.19
CA TYR A 243 -6.31 16.60 2.97
C TYR A 243 -5.63 15.25 2.85
N ASP A 244 -6.41 14.22 2.64
CA ASP A 244 -5.89 12.85 2.81
C ASP A 244 -6.94 11.91 2.23
N VAL A 245 -6.80 10.61 2.51
CA VAL A 245 -7.84 9.60 2.23
C VAL A 245 -8.46 9.10 3.53
N GLY A 246 -9.59 8.39 3.37
CA GLY A 246 -10.20 7.63 4.47
C GLY A 246 -9.55 6.23 4.47
N ILE A 247 -10.25 5.24 3.93
CA ILE A 247 -9.63 3.90 3.84
C ILE A 247 -8.43 4.01 2.92
N ASN A 248 -7.31 3.39 3.35
CA ASN A 248 -6.07 3.46 2.57
C ASN A 248 -5.67 1.98 2.35
N GLY A 249 -4.64 1.47 3.02
CA GLY A 249 -4.18 0.11 2.71
C GLY A 249 -5.12 -0.92 3.31
N ILE A 250 -5.16 -2.10 2.67
CA ILE A 250 -6.02 -3.21 3.10
C ILE A 250 -5.16 -4.46 3.12
N LYS A 251 -5.56 -5.40 3.99
CA LYS A 251 -5.04 -6.77 3.96
C LYS A 251 -6.22 -7.66 4.30
N ILE A 252 -6.15 -8.95 3.91
CA ILE A 252 -7.19 -9.91 4.31
C ILE A 252 -6.53 -11.03 5.10
N ARG A 253 -7.10 -11.37 6.26
CA ARG A 253 -6.52 -12.39 7.13
C ARG A 253 -7.67 -13.26 7.65
N ARG A 254 -7.60 -14.58 7.40
CA ARG A 254 -8.74 -15.48 7.65
C ARG A 254 -9.96 -14.89 6.92
N ASP A 255 -11.10 -14.73 7.57
CA ASP A 255 -12.27 -14.19 6.92
C ASP A 255 -12.51 -12.74 7.33
N TRP A 256 -11.43 -12.00 7.62
CA TRP A 256 -11.50 -10.58 8.00
C TRP A 256 -10.83 -9.70 6.94
N LEU A 257 -11.56 -8.67 6.45
CA LEU A 257 -10.93 -7.55 5.74
C LEU A 257 -10.41 -6.55 6.77
N TYR A 258 -9.10 -6.26 6.73
CA TYR A 258 -8.51 -5.28 7.61
C TYR A 258 -8.13 -4.04 6.79
N TRP A 259 -8.25 -2.85 7.39
CA TRP A 259 -7.75 -1.67 6.68
C TRP A 259 -7.31 -0.61 7.68
N VAL A 260 -6.52 0.36 7.18
CA VAL A 260 -6.24 1.53 8.01
C VAL A 260 -7.00 2.68 7.41
N ASN A 261 -7.41 3.61 8.27
CA ASN A 261 -8.02 4.88 7.87
C ASN A 261 -7.04 6.00 8.18
N SER A 262 -6.74 6.78 7.14
CA SER A 262 -5.70 7.80 7.28
C SER A 262 -6.16 9.06 7.97
N ASP A 263 -7.45 9.17 8.26
CA ASP A 263 -7.97 10.39 8.83
C ASP A 263 -8.37 10.26 10.29
N ASP A 264 -8.76 9.07 10.75
CA ASP A 264 -9.40 8.98 12.07
C ASP A 264 -8.58 8.20 13.08
N GLY A 265 -7.35 7.80 12.73
CA GLY A 265 -6.45 7.13 13.67
C GLY A 265 -6.70 5.62 13.82
N ASN A 266 -7.74 5.08 13.24
CA ASN A 266 -8.15 3.71 13.52
C ASN A 266 -7.61 2.72 12.49
N ILE A 267 -7.25 1.53 13.01
CA ILE A 267 -7.12 0.31 12.21
C ILE A 267 -8.41 -0.48 12.43
N TYR A 268 -9.05 -0.92 11.34
CA TYR A 268 -10.38 -1.55 11.37
C TYR A 268 -10.31 -2.98 10.86
N ARG A 269 -11.29 -3.81 11.24
CA ARG A 269 -11.50 -5.03 10.50
C ARG A 269 -12.99 -5.33 10.36
N LEU A 270 -13.32 -6.08 9.32
CA LEU A 270 -14.70 -6.35 8.96
C LEU A 270 -14.83 -7.81 8.58
N LYS A 271 -15.81 -8.52 9.17
CA LYS A 271 -16.01 -9.90 8.78
C LYS A 271 -16.65 -10.01 7.41
N ILE A 272 -16.06 -10.81 6.50
CA ILE A 272 -16.56 -10.93 5.14
C ILE A 272 -16.90 -12.36 4.77
N ASP A 273 -17.81 -12.51 3.82
CA ASP A 273 -18.19 -13.81 3.31
C ASP A 273 -17.29 -14.18 2.14
N LYS A 274 -17.62 -15.27 1.43
CA LYS A 274 -16.72 -15.81 0.43
C LYS A 274 -16.59 -14.91 -0.78
N THR A 275 -17.53 -13.98 -0.99
CA THR A 275 -17.42 -13.06 -2.11
C THR A 275 -16.91 -11.69 -1.71
N GLY A 276 -16.54 -11.45 -0.45
CA GLY A 276 -16.07 -10.15 -0.03
C GLY A 276 -17.12 -9.23 0.58
N HIS A 277 -18.37 -9.65 0.67
CA HIS A 277 -19.39 -8.82 1.28
C HIS A 277 -19.37 -8.96 2.79
N ALA A 278 -19.79 -7.89 3.47
CA ALA A 278 -19.79 -7.91 4.89
C ALA A 278 -20.82 -8.94 5.35
N VAL A 279 -20.43 -9.74 6.33
CA VAL A 279 -21.42 -10.58 7.00
C VAL A 279 -22.30 -9.69 7.88
N PRO A 280 -23.63 -9.75 7.77
CA PRO A 280 -24.50 -8.87 8.63
C PRO A 280 -24.21 -9.07 10.10
N PRO A 281 -24.21 -8.00 10.91
CA PRO A 281 -24.66 -6.63 10.60
C PRO A 281 -23.65 -5.67 9.94
N ALA A 282 -22.59 -6.21 9.32
CA ALA A 282 -21.66 -5.44 8.51
C ALA A 282 -21.08 -4.26 9.28
N LYS A 283 -20.71 -4.46 10.56
CA LYS A 283 -20.17 -3.35 11.36
C LYS A 283 -18.66 -3.45 11.51
N PRO A 284 -17.88 -2.46 11.04
CA PRO A 284 -16.44 -2.50 11.27
C PRO A 284 -16.09 -2.47 12.74
N GLU A 285 -15.00 -3.14 13.08
CA GLU A 285 -14.48 -3.17 14.43
C GLU A 285 -13.14 -2.47 14.53
N VAL A 286 -12.97 -1.63 15.55
CA VAL A 286 -11.67 -1.00 15.76
C VAL A 286 -10.69 -1.99 16.37
N VAL A 287 -9.56 -2.25 15.70
CA VAL A 287 -8.58 -3.17 16.28
C VAL A 287 -7.44 -2.40 16.94
N ALA A 288 -7.16 -1.16 16.52
CA ALA A 288 -6.10 -0.39 17.18
C ALA A 288 -6.30 1.08 16.83
N PHE A 289 -5.75 1.96 17.65
CA PHE A 289 -5.86 3.40 17.45
C PHE A 289 -4.51 4.05 17.70
N GLN A 290 -4.13 5.03 16.87
CA GLN A 290 -2.99 5.87 17.18
C GLN A 290 -3.25 7.16 16.41
N ASP A 291 -2.95 8.30 17.01
CA ASP A 291 -3.23 9.57 16.34
C ASP A 291 -2.10 9.85 15.34
N THR A 292 -2.17 9.14 14.20
CA THR A 292 -1.14 9.25 13.19
C THR A 292 -1.80 8.99 11.85
N ILE A 293 -1.18 9.49 10.78
CA ILE A 293 -1.69 9.28 9.42
C ILE A 293 -1.17 7.91 8.96
N TRP A 294 -2.01 6.89 9.04
CA TRP A 294 -1.62 5.57 8.55
C TRP A 294 -1.52 5.57 7.05
N ASP A 295 -0.80 4.58 6.50
CA ASP A 295 -0.78 4.44 5.04
C ASP A 295 -1.03 2.96 4.68
N ASP A 296 -0.12 2.05 5.00
CA ASP A 296 -0.39 0.64 4.73
C ASP A 296 0.28 -0.16 5.84
N PHE A 297 0.13 -1.48 5.76
CA PHE A 297 0.48 -2.29 6.91
C PHE A 297 0.60 -3.73 6.43
N THR A 298 1.10 -4.57 7.33
CA THR A 298 1.13 -6.01 7.08
C THR A 298 0.98 -6.71 8.44
N PHE A 299 0.68 -8.02 8.39
CA PHE A 299 0.82 -8.91 9.55
C PHE A 299 2.15 -9.64 9.50
N GLY A 300 2.70 -9.95 10.67
CA GLY A 300 3.88 -10.81 10.70
C GLY A 300 4.72 -10.61 11.95
N PRO A 301 5.92 -11.20 11.97
CA PRO A 301 6.48 -12.04 10.90
C PRO A 301 5.81 -13.40 10.84
N GLU A 302 6.06 -14.11 9.75
CA GLU A 302 5.55 -15.47 9.51
C GLU A 302 4.08 -15.54 9.89
N HIS A 303 3.75 -16.31 10.92
CA HIS A 303 2.33 -16.54 11.22
C HIS A 303 1.80 -15.61 12.30
N GLU A 304 2.61 -14.71 12.84
CA GLU A 304 2.18 -13.88 13.96
C GLU A 304 1.12 -12.86 13.53
N ASP A 305 0.20 -12.56 14.46
CA ASP A 305 -0.87 -11.64 14.10
C ASP A 305 -0.58 -10.24 14.59
N THR A 306 0.68 -9.91 14.89
CA THR A 306 1.05 -8.52 15.08
C THR A 306 0.85 -7.77 13.76
N ILE A 307 0.37 -6.53 13.86
CA ILE A 307 0.30 -5.59 12.72
C ILE A 307 1.51 -4.69 12.79
N TRP A 308 2.20 -4.54 11.64
CA TRP A 308 3.28 -3.59 11.45
C TRP A 308 2.72 -2.59 10.44
N ALA A 309 2.62 -1.32 10.83
CA ALA A 309 1.93 -0.31 10.03
C ALA A 309 2.78 0.94 9.88
N THR A 310 2.70 1.55 8.69
CA THR A 310 3.38 2.82 8.51
C THR A 310 2.45 3.94 8.98
N GLY A 311 3.01 4.87 9.72
CA GLY A 311 2.29 6.08 10.16
C GLY A 311 3.07 7.31 9.72
N PHE A 312 2.93 8.41 10.45
CA PHE A 312 3.51 9.67 9.98
C PHE A 312 5.01 9.73 10.29
N ASN A 313 5.84 9.49 9.26
CA ASN A 313 7.31 9.47 9.38
C ASN A 313 7.78 8.49 10.45
N ALA A 314 6.99 7.46 10.70
CA ALA A 314 7.32 6.51 11.75
C ALA A 314 6.66 5.17 11.42
N ILE A 315 7.16 4.11 12.07
CA ILE A 315 6.67 2.74 11.89
C ILE A 315 6.15 2.24 13.24
N PHE A 316 5.02 1.53 13.23
CA PHE A 316 4.33 1.16 14.47
C PHE A 316 4.10 -0.33 14.47
N ALA A 317 4.17 -0.95 15.65
CA ALA A 317 3.66 -2.30 15.82
C ALA A 317 2.43 -2.27 16.71
N ALA A 318 1.42 -3.06 16.35
CA ALA A 318 0.14 -3.05 17.04
C ALA A 318 -0.23 -4.48 17.43
N SER A 319 -0.44 -4.70 18.73
CA SER A 319 -0.83 -6.04 19.16
C SER A 319 -2.31 -6.29 18.82
N PRO A 320 -2.74 -7.56 18.79
CA PRO A 320 -4.17 -7.84 18.51
C PRO A 320 -5.13 -7.24 19.55
N GLN A 321 -4.64 -6.90 20.75
CA GLN A 321 -5.46 -6.27 21.80
C GLN A 321 -5.37 -4.77 21.78
N GLY A 322 -4.71 -4.20 20.76
CA GLY A 322 -4.72 -2.77 20.58
C GLY A 322 -3.56 -2.03 21.17
N LYS A 323 -2.54 -2.73 21.67
CA LYS A 323 -1.38 -2.02 22.16
C LYS A 323 -0.54 -1.57 20.99
N VAL A 324 -0.23 -0.27 20.92
CA VAL A 324 0.55 0.29 19.82
C VAL A 324 1.86 0.83 20.36
N VAL A 325 2.96 0.44 19.72
CA VAL A 325 4.31 0.86 20.04
C VAL A 325 4.95 1.50 18.81
N THR A 326 5.68 2.61 19.00
CA THR A 326 6.46 3.20 17.91
C THR A 326 7.82 2.49 17.87
N VAL A 327 8.11 1.79 16.77
CA VAL A 327 9.35 0.98 16.69
C VAL A 327 10.46 1.65 15.89
N ASN A 328 10.14 2.59 15.00
CA ASN A 328 11.14 3.25 14.19
C ASN A 328 10.66 4.64 13.79
N GLY A 329 11.60 5.49 13.42
CA GLY A 329 11.25 6.79 12.87
C GLY A 329 10.98 7.82 13.96
N VAL A 330 10.17 8.82 13.62
CA VAL A 330 9.91 9.93 14.54
C VAL A 330 9.27 9.43 15.83
N GLY A 331 9.76 9.94 16.97
CA GLY A 331 9.31 9.45 18.25
C GLY A 331 10.24 8.41 18.85
N THR A 332 11.30 8.05 18.14
CA THR A 332 12.42 7.25 18.60
C THR A 332 13.70 8.03 18.30
N SER A 333 14.85 7.45 18.70
CA SER A 333 16.10 8.10 18.38
C SER A 333 16.39 8.08 16.90
N ASP A 334 15.59 7.36 16.10
CA ASP A 334 15.76 7.48 14.65
C ASP A 334 15.52 8.92 14.19
N ASN A 335 14.64 9.65 14.87
CA ASN A 335 14.28 11.01 14.46
C ASN A 335 13.78 10.98 13.01
N GLY A 336 14.25 11.86 12.13
CA GLY A 336 13.66 12.02 10.82
C GLY A 336 14.32 11.16 9.77
N ILE A 337 14.92 10.03 10.17
CA ILE A 337 15.70 9.30 9.17
C ILE A 337 14.83 8.60 8.09
N MET A 338 13.56 8.36 8.34
CA MET A 338 12.70 7.66 7.36
C MET A 338 11.43 8.48 7.12
N PRO A 339 11.53 9.60 6.45
CA PRO A 339 10.34 10.41 6.21
C PRO A 339 9.44 9.81 5.13
N GLY A 340 8.14 9.92 5.34
CA GLY A 340 7.19 9.43 4.35
C GLY A 340 7.20 7.94 4.07
N PRO A 341 7.26 7.07 5.08
CA PRO A 341 7.04 5.65 4.77
C PRO A 341 5.63 5.49 4.17
N THR A 342 5.49 4.55 3.22
CA THR A 342 4.21 4.34 2.55
C THR A 342 3.67 2.93 2.70
N ALA A 343 4.53 1.92 2.86
CA ALA A 343 4.01 0.56 2.94
C ALA A 343 5.11 -0.34 3.52
N CYS A 344 4.74 -1.58 3.88
CA CYS A 344 5.79 -2.45 4.42
C CYS A 344 5.40 -3.93 4.24
N ALA A 345 6.42 -4.79 4.13
CA ALA A 345 6.14 -6.22 3.92
C ALA A 345 7.34 -7.01 4.41
N PHE A 346 7.11 -8.16 5.06
CA PHE A 346 8.20 -9.03 5.52
C PHE A 346 8.88 -9.84 4.42
N GLY A 347 10.16 -10.14 4.63
CA GLY A 347 10.87 -10.99 3.69
C GLY A 347 10.23 -12.37 3.61
N ARG A 348 10.47 -13.06 2.50
CA ARG A 348 9.87 -14.36 2.29
C ARG A 348 10.91 -15.48 2.11
N SER A 349 12.19 -15.15 2.06
CA SER A 349 13.18 -16.22 1.99
C SER A 349 13.30 -16.87 3.36
N PRO A 350 13.88 -18.09 3.42
CA PRO A 350 14.05 -18.74 4.71
C PRO A 350 14.95 -18.00 5.61
N HIS A 351 15.77 -17.10 5.08
CA HIS A 351 16.75 -16.42 5.90
C HIS A 351 16.51 -14.92 6.06
N ASP A 352 15.30 -14.40 5.71
CA ASP A 352 15.02 -12.99 6.06
C ASP A 352 13.56 -12.79 6.46
N ARG A 353 12.88 -13.84 6.97
CA ARG A 353 11.48 -13.68 7.34
C ARG A 353 11.25 -12.60 8.40
N ASN A 354 12.23 -12.26 9.21
CA ASN A 354 11.99 -11.24 10.24
C ASN A 354 12.30 -9.83 9.78
N ILE A 355 12.73 -9.68 8.53
CA ILE A 355 13.07 -8.38 7.99
C ILE A 355 11.80 -7.75 7.42
N LEU A 356 11.47 -6.55 7.90
CA LEU A 356 10.34 -5.76 7.41
C LEU A 356 10.87 -4.77 6.39
N TYR A 357 10.52 -4.95 5.11
CA TYR A 357 10.97 -4.02 4.07
C TYR A 357 9.94 -2.91 3.96
N VAL A 358 10.41 -1.66 3.90
CA VAL A 358 9.53 -0.49 4.03
C VAL A 358 9.75 0.40 2.83
N THR A 359 8.65 0.78 2.16
CA THR A 359 8.78 1.72 1.05
C THR A 359 8.50 3.12 1.59
N GLY A 360 8.97 4.14 0.85
CA GLY A 360 8.61 5.50 1.26
C GLY A 360 8.77 6.45 0.10
N ASN A 361 8.31 7.70 0.33
CA ASN A 361 8.31 8.63 -0.78
C ASN A 361 8.82 10.04 -0.48
N MET A 362 9.46 10.29 0.68
CA MET A 362 9.97 11.62 1.02
C MET A 362 11.49 11.58 1.18
N GLY A 363 12.14 12.66 0.75
CA GLY A 363 13.56 12.81 0.93
C GLY A 363 13.88 13.68 2.14
N GLU A 364 12.88 14.37 2.67
CA GLU A 364 13.01 15.18 3.87
C GLU A 364 11.70 15.13 4.60
N ILE A 365 11.77 15.34 5.91
CA ILE A 365 10.57 15.40 6.74
C ILE A 365 9.63 16.47 6.23
N PRO A 366 8.41 16.08 5.83
CA PRO A 366 7.43 17.07 5.38
C PRO A 366 6.69 17.62 6.59
N VAL A 367 6.43 18.93 6.53
CA VAL A 367 5.49 19.56 7.45
C VAL A 367 4.29 20.08 6.65
N ASP A 368 4.52 21.03 5.76
CA ASP A 368 3.43 21.52 4.93
C ASP A 368 3.23 20.54 3.76
N ILE A 369 2.05 19.91 3.66
CA ILE A 369 1.84 18.98 2.54
C ILE A 369 1.95 19.66 1.18
N GLU A 370 1.85 20.99 1.11
CA GLU A 370 2.07 21.70 -0.14
C GLU A 370 3.53 22.03 -0.43
N HIS A 371 4.48 21.70 0.42
CA HIS A 371 5.92 21.94 0.08
C HIS A 371 6.77 20.76 0.51
N VAL A 372 6.59 19.63 -0.15
CA VAL A 372 7.28 18.43 0.26
C VAL A 372 8.38 18.17 -0.75
N HIS A 373 9.33 17.32 -0.37
CA HIS A 373 10.42 16.94 -1.25
C HIS A 373 10.29 15.44 -1.46
N LEU A 374 9.65 15.05 -2.55
CA LEU A 374 9.48 13.64 -2.85
C LEU A 374 10.83 12.99 -3.14
N LYS A 375 10.98 11.77 -2.68
CA LYS A 375 12.10 10.94 -3.07
C LYS A 375 11.76 9.51 -2.65
N GLY A 376 11.74 8.61 -3.61
CA GLY A 376 11.39 7.22 -3.29
C GLY A 376 12.55 6.52 -2.60
N TRP A 377 12.21 5.61 -1.69
CA TRP A 377 13.22 4.81 -1.03
C TRP A 377 12.65 3.48 -0.54
N VAL A 378 13.55 2.53 -0.28
CA VAL A 378 13.21 1.29 0.39
C VAL A 378 14.23 1.03 1.49
N ARG A 379 13.77 0.80 2.71
CA ARG A 379 14.62 0.43 3.86
C ARG A 379 14.21 -0.94 4.34
N ALA A 380 15.07 -1.52 5.20
CA ALA A 380 14.85 -2.84 5.80
C ALA A 380 15.02 -2.71 7.30
N ILE A 381 14.01 -3.14 8.06
CA ILE A 381 14.01 -3.06 9.53
C ILE A 381 14.10 -4.50 10.04
N ASP A 382 15.05 -4.76 10.94
CA ASP A 382 15.16 -6.10 11.49
C ASP A 382 14.32 -6.20 12.78
N THR A 383 13.22 -6.97 12.71
CA THR A 383 12.28 -7.08 13.83
C THR A 383 12.65 -8.20 14.81
N THR A 384 13.79 -8.86 14.60
CA THR A 384 14.09 -10.07 15.36
C THR A 384 14.03 -9.78 16.85
N GLY A 385 13.28 -10.61 17.58
CA GLY A 385 13.19 -10.44 19.02
C GLY A 385 12.17 -9.44 19.51
N PHE A 386 11.43 -8.79 18.64
CA PHE A 386 10.39 -7.90 19.14
C PHE A 386 9.23 -8.73 19.65
N HIS A 387 8.65 -8.30 20.77
CA HIS A 387 7.46 -8.93 21.34
C HIS A 387 6.81 -7.90 22.24
N PHE A 388 5.54 -8.11 22.54
CA PHE A 388 4.82 -7.24 23.48
C PHE A 388 4.92 -7.75 24.94
#